data_2W8V
#
_entry.id   2W8V
#
_cell.length_a   71.920
_cell.length_b   109.786
_cell.length_c   91.774
_cell.angle_alpha   90.00
_cell.angle_beta   90.00
_cell.angle_gamma   90.00
#
_symmetry.space_group_name_H-M   'C 2 2 21'
#
loop_
_entity.id
_entity.type
_entity.pdbx_description
1 polymer 'SERINE PALMITOYLTRANSFERASE'
2 non-polymer "PYRIDOXAL-5'-PHOSPHATE"
3 water water
#
_entity_poly.entity_id   1
_entity_poly.type   'polypeptide(L)'
_entity_poly.pdbx_seq_one_letter_code
;TEAAAQPHALPADAPDIAPERDLLSKFDGLIAERQKLLDSGVTDPFAIVMEQVKSPTEAVIRGKDTILLGTYNYMGMTFD
PDVIAAGKEALEKFGSGTWGSRMLNGTFHDHMEVEQALRDFYGTTGAIVFSTGYMANLGIISTLAGKGEYVILDADSHAS
IYDGCQQGNAEIVRFRHNSVEDLDKRLGRLPKEPAKLVVLEGVYSMLGDIAPLKEMVAVAKKHGAMVLVDEAHSMGFFGP
NGRGVYEAQGLEGQIDFVVGTFSKSVGTVGGFVVSNHPKFEAVRLACRPYIFTASLPPSVVATATTSIRKLMTAHEKRER
LWSNARALHGGLKAMGFRLGTETCDSAIVAVMLEDQEQAAMMWQALLDGGLYVNMARPPATPAGTFLLRCSICAEHTPAQ
IQTVLGMFQAAGRAVGVIGLEHHHHHH
;
_entity_poly.pdbx_strand_id   A
#
loop_
_chem_comp.id
_chem_comp.type
_chem_comp.name
_chem_comp.formula
PLP non-polymer PYRIDOXAL-5'-PHOSPHATE 'C8 H10 N O6 P'
#
# COMPACT_ATOMS: atom_id res chain seq x y z
N ARG A 21 18.36 9.76 33.42
CA ARG A 21 17.51 9.07 32.39
C ARG A 21 16.09 9.62 32.36
N ASP A 22 15.48 9.58 31.17
CA ASP A 22 14.08 9.98 31.01
C ASP A 22 13.40 9.08 29.97
N LEU A 23 12.24 9.51 29.49
CA LEU A 23 11.46 8.71 28.55
C LEU A 23 12.11 8.53 27.19
N LEU A 24 13.10 9.35 26.85
CA LEU A 24 13.76 9.24 25.55
C LEU A 24 15.08 8.48 25.63
N SER A 25 15.52 8.10 26.83
CA SER A 25 16.74 7.29 26.97
C SER A 25 16.61 5.95 26.23
N LYS A 26 15.39 5.40 26.17
CA LYS A 26 15.10 4.19 25.40
C LYS A 26 15.45 4.27 23.91
N PHE A 27 15.61 5.49 23.38
CA PHE A 27 15.96 5.69 21.97
C PHE A 27 17.46 5.88 21.74
N ASP A 28 18.26 5.91 22.81
CA ASP A 28 19.71 6.12 22.67
C ASP A 28 20.32 5.12 21.68
N GLY A 29 19.83 3.89 21.69
CA GLY A 29 20.29 2.85 20.78
C GLY A 29 19.96 3.15 19.33
N LEU A 30 18.69 3.49 19.08
CA LEU A 30 18.24 3.88 17.74
C LEU A 30 19.02 5.09 17.22
N ILE A 31 19.29 6.05 18.09
CA ILE A 31 20.04 7.26 17.74
C ILE A 31 21.47 6.93 17.32
N ALA A 32 22.13 6.06 18.09
CA ALA A 32 23.50 5.64 17.79
C ALA A 32 23.57 4.85 16.48
N GLU A 33 22.63 3.93 16.28
CA GLU A 33 22.64 3.09 15.08
C GLU A 33 22.30 3.89 13.83
N ARG A 34 21.36 4.83 13.95
CA ARG A 34 21.07 5.74 12.83
C ARG A 34 22.31 6.53 12.45
N GLN A 35 23.03 7.05 13.43
CA GLN A 35 24.23 7.85 13.16
C GLN A 35 25.31 7.02 12.48
N LYS A 36 25.43 5.76 12.89
CA LYS A 36 26.36 4.82 12.27
C LYS A 36 26.03 4.62 10.78
N LEU A 37 24.76 4.35 10.49
CA LEU A 37 24.29 4.18 9.11
C LEU A 37 24.56 5.41 8.25
N LEU A 38 24.23 6.59 8.78
CA LEU A 38 24.42 7.83 8.04
C LEU A 38 25.90 8.12 7.76
N ASP A 39 26.77 7.81 8.72
CA ASP A 39 28.22 7.96 8.56
C ASP A 39 28.78 7.06 7.44
N SER A 40 28.14 5.91 7.22
CA SER A 40 28.64 4.92 6.26
C SER A 40 28.10 5.12 4.85
N GLY A 41 27.17 6.05 4.67
CA GLY A 41 26.64 6.39 3.35
C GLY A 41 26.84 7.84 3.01
N VAL A 42 26.23 8.28 1.91
CA VAL A 42 26.30 9.66 1.47
C VAL A 42 24.91 10.32 1.68
N THR A 43 23.97 10.09 0.77
CA THR A 43 22.61 10.59 0.96
C THR A 43 21.84 9.75 1.99
N ASP A 44 21.15 10.45 2.91
CA ASP A 44 20.31 9.81 3.94
C ASP A 44 19.01 9.38 3.26
N PRO A 45 18.78 8.05 3.12
CA PRO A 45 17.56 7.60 2.42
C PRO A 45 16.26 7.88 3.17
N PHE A 46 16.36 8.16 4.47
CA PHE A 46 15.21 8.46 5.30
C PHE A 46 14.85 9.94 5.32
N ALA A 47 15.61 10.75 4.58
CA ALA A 47 15.39 12.20 4.53
C ALA A 47 15.46 12.75 3.12
N ILE A 48 14.88 12.03 2.17
CA ILE A 48 14.79 12.51 0.80
C ILE A 48 13.73 13.61 0.73
N VAL A 49 14.12 14.76 0.21
CA VAL A 49 13.24 15.91 0.11
C VAL A 49 13.27 16.37 -1.34
N MET A 50 12.13 16.33 -2.01
CA MET A 50 12.03 16.74 -3.40
C MET A 50 12.01 18.27 -3.41
N GLU A 51 12.72 18.87 -4.36
CA GLU A 51 12.80 20.33 -4.48
C GLU A 51 11.67 20.88 -5.33
N GLN A 52 11.54 20.32 -6.53
CA GLN A 52 10.54 20.71 -7.51
C GLN A 52 9.99 19.44 -8.10
N VAL A 53 8.69 19.42 -8.41
CA VAL A 53 8.04 18.24 -8.97
C VAL A 53 7.32 18.65 -10.24
N LYS A 54 7.64 18.00 -11.35
CA LYS A 54 7.06 18.30 -12.65
C LYS A 54 5.82 17.45 -12.92
N SER A 55 5.95 16.16 -12.66
CA SER A 55 4.97 15.19 -13.12
C SER A 55 4.90 14.02 -12.16
N PRO A 56 4.06 13.02 -12.47
CA PRO A 56 4.05 11.81 -11.66
C PRO A 56 5.41 11.12 -11.63
N THR A 57 6.23 11.32 -12.66
CA THR A 57 7.44 10.55 -12.81
C THR A 57 8.74 11.34 -12.79
N GLU A 58 8.71 12.67 -12.68
CA GLU A 58 9.93 13.47 -12.72
C GLU A 58 9.95 14.55 -11.64
N ALA A 59 11.06 14.65 -10.91
CA ALA A 59 11.24 15.73 -9.95
C ALA A 59 12.69 16.15 -9.89
N VAL A 60 12.97 17.27 -9.24
CA VAL A 60 14.34 17.69 -8.98
C VAL A 60 14.67 17.29 -7.54
N ILE A 61 15.71 16.49 -7.40
CA ILE A 61 16.18 15.99 -6.13
C ILE A 61 17.68 16.25 -6.10
N ARG A 62 18.15 16.94 -5.06
CA ARG A 62 19.55 17.33 -4.94
C ARG A 62 20.06 18.02 -6.22
N GLY A 63 19.21 18.88 -6.79
CA GLY A 63 19.58 19.67 -7.97
C GLY A 63 19.57 18.95 -9.30
N LYS A 64 19.19 17.68 -9.30
CA LYS A 64 19.26 16.84 -10.49
C LYS A 64 17.86 16.44 -10.92
N ASP A 65 17.58 16.59 -12.21
CA ASP A 65 16.36 16.04 -12.81
C ASP A 65 16.38 14.53 -12.61
N THR A 66 15.34 14.03 -11.96
CA THR A 66 15.31 12.64 -11.47
C THR A 66 14.01 11.93 -11.84
N ILE A 67 14.16 10.74 -12.40
CA ILE A 67 13.01 9.88 -12.65
C ILE A 67 12.58 9.26 -11.32
N LEU A 68 11.28 9.35 -11.03
CA LEU A 68 10.74 8.83 -9.78
C LEU A 68 10.28 7.41 -10.01
N LEU A 69 10.87 6.49 -9.25
CA LEU A 69 10.56 5.08 -9.34
C LEU A 69 10.45 4.46 -7.94
N GLY A 70 10.22 5.31 -6.94
CA GLY A 70 10.07 4.86 -5.56
C GLY A 70 8.84 5.39 -4.86
N THR A 71 7.81 5.78 -5.63
CA THR A 71 6.53 6.27 -5.08
C THR A 71 5.44 5.25 -5.32
N TYR A 72 4.31 5.40 -4.62
CA TYR A 72 3.19 4.50 -4.81
C TYR A 72 2.04 5.07 -5.64
N ASN A 73 2.40 5.95 -6.55
CA ASN A 73 1.46 6.68 -7.39
C ASN A 73 1.11 5.85 -8.60
N TYR A 74 0.59 4.66 -8.35
CA TYR A 74 0.53 3.63 -9.37
C TYR A 74 -0.19 4.04 -10.64
N MET A 75 -1.28 4.78 -10.49
CA MET A 75 -2.12 5.11 -11.63
C MET A 75 -1.94 6.56 -12.09
N GLY A 76 -0.91 7.21 -11.55
CA GLY A 76 -0.55 8.57 -11.95
C GLY A 76 -1.72 9.51 -11.87
N MET A 77 -2.51 9.42 -10.80
CA MET A 77 -3.71 10.23 -10.65
C MET A 77 -3.46 11.61 -10.05
N THR A 78 -2.30 11.80 -9.45
CA THR A 78 -2.08 13.01 -8.66
C THR A 78 -1.99 14.29 -9.47
N PHE A 79 -1.73 14.22 -10.78
CA PHE A 79 -1.81 15.40 -11.64
C PHE A 79 -2.89 15.27 -12.71
N ASP A 80 -3.80 14.33 -12.52
CA ASP A 80 -4.91 14.22 -13.45
C ASP A 80 -5.69 15.54 -13.43
N PRO A 81 -6.00 16.11 -14.61
CA PRO A 81 -6.60 17.43 -14.61
C PRO A 81 -7.99 17.48 -13.96
N ASP A 82 -8.75 16.41 -14.08
CA ASP A 82 -10.07 16.37 -13.43
C ASP A 82 -9.95 16.27 -11.91
N VAL A 83 -8.98 15.47 -11.46
CA VAL A 83 -8.71 15.36 -10.04
C VAL A 83 -8.27 16.71 -9.45
N ILE A 84 -7.31 17.36 -10.10
CA ILE A 84 -6.86 18.68 -9.63
C ILE A 84 -8.00 19.69 -9.63
N ALA A 85 -8.78 19.72 -10.71
CA ALA A 85 -9.90 20.66 -10.78
C ALA A 85 -10.92 20.44 -9.66
N ALA A 86 -11.23 19.18 -9.36
CA ALA A 86 -12.18 18.87 -8.30
C ALA A 86 -11.67 19.37 -6.96
N GLY A 87 -10.38 19.18 -6.71
CA GLY A 87 -9.77 19.65 -5.47
C GLY A 87 -9.83 21.15 -5.31
N LYS A 88 -9.52 21.86 -6.39
CA LYS A 88 -9.50 23.33 -6.37
C LYS A 88 -10.91 23.87 -6.14
N GLU A 89 -11.89 23.29 -6.84
CA GLU A 89 -13.29 23.70 -6.74
C GLU A 89 -13.81 23.47 -5.32
N ALA A 90 -13.44 22.33 -4.74
CA ALA A 90 -13.87 22.02 -3.37
C ALA A 90 -13.29 22.99 -2.35
N LEU A 91 -12.03 23.36 -2.52
CA LEU A 91 -11.43 24.40 -1.68
C LEU A 91 -12.19 25.72 -1.76
N GLU A 92 -12.55 26.10 -2.97
CA GLU A 92 -13.29 27.35 -3.22
C GLU A 92 -14.66 27.33 -2.56
N LYS A 93 -15.41 26.25 -2.78
CA LYS A 93 -16.80 26.18 -2.34
C LYS A 93 -16.96 25.81 -0.89
N PHE A 94 -16.07 24.95 -0.36
CA PHE A 94 -16.28 24.39 0.96
C PHE A 94 -15.19 24.69 1.96
N GLY A 95 -14.09 25.31 1.52
CA GLY A 95 -13.03 25.74 2.42
C GLY A 95 -11.94 24.71 2.63
N SER A 96 -11.04 25.01 3.57
CA SER A 96 -9.85 24.22 3.76
C SER A 96 -10.05 23.01 4.68
N GLY A 97 -11.14 22.98 5.44
CA GLY A 97 -11.30 21.94 6.49
C GLY A 97 -12.74 21.55 6.76
N THR A 98 -12.99 20.96 7.94
CA THR A 98 -14.32 20.39 8.26
C THR A 98 -14.87 20.83 9.62
N TRP A 99 -16.12 20.45 9.87
CA TRP A 99 -16.83 20.82 11.10
C TRP A 99 -16.30 20.12 12.35
N GLY A 100 -15.57 19.03 12.17
CA GLY A 100 -15.10 18.21 13.27
C GLY A 100 -15.29 16.75 12.93
N SER A 101 -15.71 15.96 13.92
CA SER A 101 -16.07 14.56 13.74
C SER A 101 -17.37 14.48 12.96
N ARG A 102 -17.40 13.60 11.98
CA ARG A 102 -18.59 13.35 11.21
C ARG A 102 -19.80 13.00 12.08
N MET A 103 -19.62 12.07 13.02
CA MET A 103 -20.70 11.59 13.89
CA MET A 103 -20.72 11.62 13.86
C MET A 103 -21.13 12.66 14.92
N LEU A 104 -20.15 13.36 15.48
CA LEU A 104 -20.43 14.34 16.55
C LEU A 104 -20.79 15.74 16.05
N ASN A 105 -20.14 16.19 14.98
CA ASN A 105 -20.26 17.59 14.50
C ASN A 105 -20.88 17.76 13.11
N GLY A 106 -21.27 16.66 12.48
CA GLY A 106 -21.81 16.71 11.13
C GLY A 106 -20.74 16.71 10.07
N THR A 107 -21.14 16.58 8.82
CA THR A 107 -20.19 16.51 7.71
C THR A 107 -20.74 17.19 6.47
N PHE A 108 -19.85 17.47 5.53
CA PHE A 108 -20.29 17.89 4.20
C PHE A 108 -20.77 16.65 3.44
N HIS A 109 -21.63 16.88 2.46
CA HIS A 109 -22.19 15.78 1.69
C HIS A 109 -21.14 15.02 0.88
N ASP A 110 -19.98 15.65 0.64
CA ASP A 110 -18.87 14.99 -0.03
C ASP A 110 -18.48 13.64 0.59
N HIS A 111 -18.57 13.50 1.91
CA HIS A 111 -18.23 12.24 2.57
C HIS A 111 -19.19 11.11 2.23
N MET A 112 -20.47 11.46 2.11
CA MET A 112 -21.45 10.49 1.66
C MET A 112 -21.11 10.10 0.23
N GLU A 113 -20.66 11.07 -0.56
CA GLU A 113 -20.38 10.82 -1.98
C GLU A 113 -19.14 9.95 -2.19
N VAL A 114 -18.10 10.11 -1.38
CA VAL A 114 -16.91 9.26 -1.54
C VAL A 114 -17.23 7.83 -1.10
N GLU A 115 -18.04 7.68 -0.06
CA GLU A 115 -18.48 6.34 0.33
C GLU A 115 -19.33 5.68 -0.77
N GLN A 116 -20.21 6.45 -1.37
CA GLN A 116 -20.96 5.94 -2.52
C GLN A 116 -20.02 5.54 -3.66
N ALA A 117 -19.01 6.36 -3.94
CA ALA A 117 -18.03 6.02 -5.00
C ALA A 117 -17.35 4.70 -4.71
N LEU A 118 -17.00 4.48 -3.45
CA LEU A 118 -16.39 3.21 -3.05
C LEU A 118 -17.36 2.03 -3.20
N ARG A 119 -18.63 2.22 -2.82
CA ARG A 119 -19.66 1.19 -3.03
CA ARG A 119 -19.62 1.16 -3.02
C ARG A 119 -19.72 0.82 -4.51
N ASP A 120 -19.70 1.84 -5.37
CA ASP A 120 -19.79 1.64 -6.81
C ASP A 120 -18.53 0.97 -7.36
N PHE A 121 -17.38 1.38 -6.84
CA PHE A 121 -16.11 0.82 -7.31
C PHE A 121 -15.99 -0.66 -6.96
N TYR A 122 -16.38 -1.01 -5.73
CA TYR A 122 -16.21 -2.38 -5.23
C TYR A 122 -17.46 -3.22 -5.38
N GLY A 123 -18.56 -2.61 -5.78
CA GLY A 123 -19.84 -3.32 -5.89
C GLY A 123 -20.34 -3.84 -4.56
N THR A 124 -20.17 -3.06 -3.50
CA THR A 124 -20.62 -3.46 -2.17
C THR A 124 -21.76 -2.59 -1.66
N THR A 125 -22.47 -3.10 -0.66
CA THR A 125 -23.51 -2.33 0.01
C THR A 125 -22.98 -1.42 1.13
N GLY A 126 -21.74 -1.64 1.55
CA GLY A 126 -21.15 -0.90 2.65
C GLY A 126 -19.81 -0.30 2.32
N ALA A 127 -19.59 0.91 2.82
CA ALA A 127 -18.30 1.59 2.69
C ALA A 127 -18.15 2.58 3.83
N ILE A 128 -17.03 2.51 4.54
CA ILE A 128 -16.69 3.45 5.62
C ILE A 128 -15.31 4.03 5.33
N VAL A 129 -15.25 5.36 5.22
CA VAL A 129 -14.00 6.07 5.02
C VAL A 129 -13.40 6.50 6.36
N PHE A 130 -12.08 6.41 6.42
CA PHE A 130 -11.26 6.78 7.57
C PHE A 130 -10.25 7.84 7.13
N SER A 131 -9.64 8.50 8.11
CA SER A 131 -8.66 9.54 7.81
C SER A 131 -7.38 9.06 7.14
N THR A 132 -7.00 7.80 7.38
CA THR A 132 -5.83 7.18 6.74
C THR A 132 -6.08 5.69 6.56
N GLY A 133 -5.33 5.06 5.66
CA GLY A 133 -5.31 3.62 5.55
C GLY A 133 -4.82 2.97 6.83
N TYR A 134 -3.81 3.58 7.46
CA TYR A 134 -3.30 3.05 8.73
C TYR A 134 -4.43 2.96 9.75
N MET A 135 -5.19 4.04 9.88
CA MET A 135 -6.32 4.08 10.82
C MET A 135 -7.45 3.14 10.44
N ALA A 136 -7.67 2.95 9.13
CA ALA A 136 -8.67 1.98 8.69
C ALA A 136 -8.32 0.56 9.18
N ASN A 137 -7.07 0.15 9.01
CA ASN A 137 -6.64 -1.15 9.53
C ASN A 137 -6.68 -1.17 11.04
N LEU A 138 -6.13 -0.14 11.68
CA LEU A 138 -6.11 -0.05 13.15
C LEU A 138 -7.51 -0.23 13.69
N GLY A 139 -8.43 0.57 13.15
CA GLY A 139 -9.79 0.61 13.61
C GLY A 139 -10.57 -0.65 13.31
N ILE A 140 -10.51 -1.13 12.08
CA ILE A 140 -11.37 -2.27 11.71
C ILE A 140 -10.95 -3.55 12.43
N ILE A 141 -9.64 -3.79 12.55
CA ILE A 141 -9.17 -4.99 13.22
C ILE A 141 -9.49 -4.97 14.71
N SER A 142 -9.22 -3.83 15.35
CA SER A 142 -9.42 -3.72 16.79
C SER A 142 -10.89 -3.67 17.19
N THR A 143 -11.76 -3.31 16.24
CA THR A 143 -13.19 -3.21 16.52
C THR A 143 -13.90 -4.53 16.21
N LEU A 144 -13.50 -5.21 15.14
CA LEU A 144 -14.20 -6.45 14.76
C LEU A 144 -13.92 -7.63 15.68
N ALA A 145 -12.69 -7.76 16.17
CA ALA A 145 -12.32 -8.93 16.98
C ALA A 145 -12.14 -8.51 18.42
N GLY A 146 -12.95 -9.09 19.31
CA GLY A 146 -12.93 -8.72 20.72
C GLY A 146 -12.27 -9.76 21.60
N LYS A 147 -12.39 -9.55 22.91
CA LYS A 147 -11.86 -10.49 23.90
C LYS A 147 -12.36 -11.89 23.60
N GLY A 148 -11.43 -12.86 23.56
CA GLY A 148 -11.80 -14.26 23.37
C GLY A 148 -11.93 -14.67 21.91
N GLU A 149 -11.85 -13.70 21.00
CA GLU A 149 -11.89 -13.96 19.58
C GLU A 149 -10.48 -13.93 19.02
N TYR A 150 -10.34 -14.22 17.73
CA TYR A 150 -9.03 -14.48 17.13
C TYR A 150 -8.79 -13.67 15.87
N VAL A 151 -7.61 -13.07 15.77
CA VAL A 151 -7.13 -12.50 14.53
C VAL A 151 -5.96 -13.35 14.05
N ILE A 152 -6.09 -13.86 12.83
CA ILE A 152 -5.13 -14.78 12.24
C ILE A 152 -4.51 -14.05 11.05
N LEU A 153 -3.18 -13.95 11.03
CA LEU A 153 -2.51 -13.08 10.06
C LEU A 153 -1.15 -13.66 9.69
N ASP A 154 -0.70 -13.30 8.49
CA ASP A 154 0.64 -13.66 8.01
C ASP A 154 1.71 -13.08 8.93
N ALA A 155 2.74 -13.86 9.24
CA ALA A 155 3.84 -13.40 10.10
C ALA A 155 4.44 -12.08 9.63
N ASP A 156 4.45 -11.85 8.32
CA ASP A 156 5.08 -10.66 7.74
C ASP A 156 4.06 -9.58 7.33
N SER A 157 2.89 -9.58 7.98
CA SER A 157 1.85 -8.57 7.77
C SER A 157 2.33 -7.13 7.97
N HIS A 158 1.70 -6.21 7.26
CA HIS A 158 1.94 -4.75 7.40
C HIS A 158 1.81 -4.28 8.84
N ALA A 159 2.61 -3.30 9.21
CA ALA A 159 2.62 -2.76 10.57
C ALA A 159 1.25 -2.33 11.07
N SER A 160 0.42 -1.77 10.19
CA SER A 160 -0.90 -1.29 10.59
C SER A 160 -1.82 -2.43 11.04
N ILE A 161 -1.61 -3.60 10.44
CA ILE A 161 -2.37 -4.79 10.79
C ILE A 161 -1.97 -5.29 12.18
N TYR A 162 -0.66 -5.41 12.41
CA TYR A 162 -0.15 -5.70 13.75
C TYR A 162 -0.61 -4.63 14.76
N ASP A 163 -0.59 -3.37 14.37
CA ASP A 163 -0.99 -2.32 15.29
C ASP A 163 -2.49 -2.42 15.62
N GLY A 164 -3.31 -2.83 14.65
CA GLY A 164 -4.72 -3.08 14.92
C GLY A 164 -4.89 -4.22 15.92
N CYS A 165 -4.08 -5.27 15.78
CA CYS A 165 -4.10 -6.36 16.75
C CYS A 165 -3.74 -5.88 18.14
N GLN A 166 -2.72 -5.03 18.22
CA GLN A 166 -2.28 -4.47 19.49
C GLN A 166 -3.33 -3.58 20.12
N GLN A 167 -4.05 -2.82 19.30
CA GLN A 167 -5.07 -1.92 19.81
C GLN A 167 -6.27 -2.67 20.37
N GLY A 168 -6.56 -3.83 19.79
CA GLY A 168 -7.68 -4.64 20.25
C GLY A 168 -7.31 -5.58 21.39
N ASN A 169 -8.29 -6.38 21.81
CA ASN A 169 -8.13 -7.29 22.94
C ASN A 169 -8.32 -8.74 22.54
N ALA A 170 -8.22 -9.02 21.25
CA ALA A 170 -8.33 -10.38 20.74
C ALA A 170 -7.03 -11.16 20.90
N GLU A 171 -7.11 -12.46 20.64
CA GLU A 171 -5.93 -13.32 20.54
C GLU A 171 -5.35 -13.19 19.16
N ILE A 172 -4.03 -13.22 19.07
CA ILE A 172 -3.36 -13.08 17.79
C ILE A 172 -2.72 -14.40 17.40
N VAL A 173 -2.85 -14.76 16.13
CA VAL A 173 -2.42 -16.06 15.63
C VAL A 173 -1.66 -15.85 14.31
N ARG A 174 -0.33 -15.78 14.42
CA ARG A 174 0.52 -15.64 13.24
C ARG A 174 0.66 -16.98 12.53
N PHE A 175 0.69 -16.94 11.19
CA PHE A 175 1.02 -18.15 10.44
C PHE A 175 2.24 -17.87 9.56
N ARG A 176 2.93 -18.95 9.22
CA ARG A 176 4.19 -18.85 8.50
C ARG A 176 3.97 -18.11 7.19
N HIS A 177 4.88 -17.20 6.87
CA HIS A 177 4.70 -16.37 5.71
C HIS A 177 4.35 -17.16 4.45
N ASN A 178 3.27 -16.74 3.79
CA ASN A 178 2.84 -17.29 2.50
C ASN A 178 2.52 -18.79 2.51
N SER A 179 2.15 -19.31 3.67
CA SER A 179 1.91 -20.74 3.80
C SER A 179 0.43 -21.06 3.98
N VAL A 180 -0.20 -21.55 2.91
CA VAL A 180 -1.58 -22.03 2.95
C VAL A 180 -1.70 -23.17 3.97
N GLU A 181 -0.73 -24.07 3.94
CA GLU A 181 -0.72 -25.20 4.87
C GLU A 181 -0.69 -24.74 6.31
N ASP A 182 0.18 -23.79 6.64
CA ASP A 182 0.28 -23.35 8.04
C ASP A 182 -0.96 -22.54 8.45
N LEU A 183 -1.54 -21.76 7.55
CA LEU A 183 -2.81 -21.10 7.84
C LEU A 183 -3.85 -22.14 8.25
N ASP A 184 -3.93 -23.21 7.46
CA ASP A 184 -4.90 -24.28 7.67
C ASP A 184 -4.66 -24.96 9.02
N LYS A 185 -3.41 -25.33 9.27
CA LYS A 185 -3.07 -26.00 10.53
C LYS A 185 -3.36 -25.12 11.74
N ARG A 186 -2.97 -23.85 11.66
CA ARG A 186 -3.11 -22.95 12.78
C ARG A 186 -4.58 -22.63 13.08
N LEU A 187 -5.36 -22.40 12.03
CA LEU A 187 -6.81 -22.18 12.18
C LEU A 187 -7.49 -23.38 12.79
N GLY A 188 -7.18 -24.55 12.24
CA GLY A 188 -7.79 -25.79 12.66
C GLY A 188 -7.60 -26.09 14.14
N ARG A 189 -6.51 -25.60 14.72
CA ARG A 189 -6.21 -25.87 16.13
C ARG A 189 -6.87 -24.91 17.12
N LEU A 190 -7.50 -23.85 16.62
CA LEU A 190 -8.20 -22.90 17.50
C LEU A 190 -9.55 -23.44 17.98
N PRO A 191 -10.02 -22.97 19.15
CA PRO A 191 -11.36 -23.37 19.59
C PRO A 191 -12.41 -23.06 18.53
N LYS A 192 -13.39 -23.94 18.39
CA LYS A 192 -14.34 -23.85 17.29
C LYS A 192 -15.36 -22.71 17.43
N GLU A 193 -15.82 -22.42 18.64
CA GLU A 193 -16.95 -21.52 18.81
C GLU A 193 -16.64 -20.04 18.57
N PRO A 194 -15.51 -19.53 19.12
CA PRO A 194 -15.30 -18.08 18.99
C PRO A 194 -15.15 -17.62 17.56
N ALA A 195 -15.63 -16.42 17.28
CA ALA A 195 -15.51 -15.83 15.96
C ALA A 195 -14.05 -15.50 15.63
N LYS A 196 -13.72 -15.52 14.34
CA LYS A 196 -12.35 -15.45 13.88
C LYS A 196 -12.25 -14.55 12.65
N LEU A 197 -11.21 -13.74 12.63
CA LEU A 197 -10.90 -12.86 11.50
C LEU A 197 -9.55 -13.25 10.90
N VAL A 198 -9.55 -13.72 9.65
CA VAL A 198 -8.33 -13.96 8.91
C VAL A 198 -8.05 -12.69 8.10
N VAL A 199 -6.86 -12.11 8.29
CA VAL A 199 -6.44 -10.88 7.63
C VAL A 199 -5.32 -11.22 6.68
N LEU A 200 -5.53 -10.90 5.39
CA LEU A 200 -4.60 -11.20 4.32
C LEU A 200 -4.29 -9.93 3.52
N GLU A 201 -3.12 -9.90 2.90
CA GLU A 201 -2.76 -8.86 1.95
C GLU A 201 -2.68 -9.49 0.56
N GLY A 202 -3.25 -8.81 -0.43
CA GLY A 202 -3.23 -9.28 -1.81
C GLY A 202 -1.82 -9.32 -2.38
N VAL A 203 -1.10 -8.22 -2.22
CA VAL A 203 0.27 -8.05 -2.71
C VAL A 203 1.16 -7.98 -1.48
N TYR A 204 2.23 -8.75 -1.47
CA TYR A 204 3.28 -8.62 -0.47
C TYR A 204 4.23 -7.55 -0.96
N SER A 205 4.24 -6.39 -0.30
CA SER A 205 4.89 -5.20 -0.86
C SER A 205 6.41 -5.26 -0.84
N MET A 206 7.00 -6.03 0.07
CA MET A 206 8.45 -6.06 0.12
C MET A 206 9.07 -6.51 -1.21
N LEU A 207 8.69 -7.70 -1.68
CA LEU A 207 9.25 -8.26 -2.92
C LEU A 207 8.34 -8.08 -4.12
N GLY A 208 7.09 -7.68 -3.88
CA GLY A 208 6.14 -7.52 -4.97
C GLY A 208 5.53 -8.80 -5.49
N ASP A 209 5.56 -9.85 -4.67
CA ASP A 209 4.85 -11.09 -4.98
C ASP A 209 3.39 -11.03 -4.49
N ILE A 210 2.61 -12.04 -4.87
CA ILE A 210 1.17 -12.06 -4.65
C ILE A 210 0.80 -13.20 -3.72
N ALA A 211 -0.21 -12.96 -2.90
CA ALA A 211 -0.71 -14.00 -1.99
C ALA A 211 -1.62 -14.97 -2.73
N PRO A 212 -1.59 -16.25 -2.32
CA PRO A 212 -2.50 -17.25 -2.85
C PRO A 212 -3.88 -17.12 -2.20
N LEU A 213 -4.56 -16.02 -2.47
CA LEU A 213 -5.82 -15.71 -1.79
C LEU A 213 -6.89 -16.78 -2.04
N LYS A 214 -7.01 -17.28 -3.28
CA LYS A 214 -8.01 -18.30 -3.59
C LYS A 214 -7.91 -19.47 -2.61
N GLU A 215 -6.70 -19.97 -2.42
CA GLU A 215 -6.47 -21.13 -1.56
C GLU A 215 -6.63 -20.78 -0.09
N MET A 216 -6.13 -19.61 0.31
CA MET A 216 -6.19 -19.20 1.70
C MET A 216 -7.62 -18.88 2.14
N VAL A 217 -8.41 -18.27 1.26
CA VAL A 217 -9.80 -17.97 1.57
C VAL A 217 -10.62 -19.26 1.70
N ALA A 218 -10.33 -20.27 0.87
CA ALA A 218 -11.01 -21.56 0.99
C ALA A 218 -10.71 -22.18 2.35
N VAL A 219 -9.46 -22.07 2.79
CA VAL A 219 -9.07 -22.56 4.11
C VAL A 219 -9.81 -21.80 5.22
N ALA A 220 -9.86 -20.48 5.11
CA ALA A 220 -10.57 -19.67 6.09
C ALA A 220 -12.02 -20.08 6.22
N LYS A 221 -12.67 -20.29 5.08
CA LYS A 221 -14.09 -20.65 5.07
C LYS A 221 -14.31 -22.05 5.61
N LYS A 222 -13.38 -22.97 5.34
CA LYS A 222 -13.45 -24.31 5.90
C LYS A 222 -13.54 -24.27 7.42
N HIS A 223 -12.85 -23.29 8.02
CA HIS A 223 -12.81 -23.15 9.49
C HIS A 223 -13.80 -22.12 10.04
N GLY A 224 -14.67 -21.60 9.17
CA GLY A 224 -15.72 -20.69 9.59
C GLY A 224 -15.27 -19.27 9.91
N ALA A 225 -14.07 -18.90 9.47
CA ALA A 225 -13.54 -17.58 9.76
C ALA A 225 -14.05 -16.57 8.76
N MET A 226 -14.18 -15.33 9.20
CA MET A 226 -14.39 -14.19 8.31
C MET A 226 -13.03 -13.77 7.74
N VAL A 227 -13.05 -13.14 6.56
CA VAL A 227 -11.84 -12.75 5.85
C VAL A 227 -11.85 -11.25 5.56
N LEU A 228 -10.75 -10.62 5.94
CA LEU A 228 -10.44 -9.23 5.57
C LEU A 228 -9.22 -9.26 4.64
N VAL A 229 -9.32 -8.61 3.49
CA VAL A 229 -8.18 -8.52 2.58
C VAL A 229 -7.80 -7.06 2.38
N ASP A 230 -6.52 -6.77 2.54
CA ASP A 230 -5.97 -5.44 2.28
C ASP A 230 -5.57 -5.40 0.79
N GLU A 231 -6.19 -4.48 0.06
CA GLU A 231 -5.93 -4.31 -1.36
C GLU A 231 -5.41 -2.90 -1.62
N ALA A 232 -4.42 -2.50 -0.83
CA ALA A 232 -3.77 -1.19 -0.97
C ALA A 232 -2.87 -1.13 -2.21
N HIS A 233 -2.27 -2.26 -2.60
CA HIS A 233 -1.25 -2.28 -3.65
C HIS A 233 -1.75 -2.83 -4.97
N SER A 234 -3.06 -2.82 -5.16
CA SER A 234 -3.68 -3.43 -6.32
C SER A 234 -4.80 -2.59 -6.94
N MET A 235 -5.14 -1.47 -6.33
CA MET A 235 -6.37 -0.76 -6.67
C MET A 235 -6.32 -0.11 -8.04
N GLY A 236 -7.26 -0.51 -8.89
CA GLY A 236 -7.35 -0.02 -10.26
C GLY A 236 -6.65 -0.86 -11.30
N PHE A 237 -5.89 -1.87 -10.88
CA PHE A 237 -5.12 -2.64 -11.85
C PHE A 237 -5.05 -4.15 -11.68
N PHE A 238 -5.80 -4.68 -10.71
CA PHE A 238 -6.00 -6.13 -10.57
C PHE A 238 -7.50 -6.41 -10.64
N GLY A 239 -7.87 -7.44 -11.39
CA GLY A 239 -9.27 -7.85 -11.51
C GLY A 239 -9.99 -7.13 -12.63
N PRO A 240 -11.08 -7.73 -13.15
CA PRO A 240 -11.80 -7.07 -14.23
C PRO A 240 -12.23 -5.64 -13.94
N ASN A 241 -12.58 -5.35 -12.69
CA ASN A 241 -13.01 -4.02 -12.27
C ASN A 241 -11.94 -3.25 -11.50
N GLY A 242 -10.71 -3.78 -11.45
CA GLY A 242 -9.65 -3.11 -10.70
C GLY A 242 -9.77 -3.19 -9.18
N ARG A 243 -10.56 -4.12 -8.69
CA ARG A 243 -10.85 -4.18 -7.25
C ARG A 243 -9.72 -4.77 -6.40
N GLY A 244 -8.90 -5.62 -7.00
CA GLY A 244 -7.76 -6.16 -6.30
C GLY A 244 -7.43 -7.58 -6.66
N VAL A 245 -6.41 -8.10 -6.00
CA VAL A 245 -6.01 -9.48 -6.19
C VAL A 245 -7.18 -10.44 -5.94
N TYR A 246 -8.00 -10.17 -4.94
CA TYR A 246 -9.11 -11.09 -4.64
C TYR A 246 -10.03 -11.21 -5.84
N GLU A 247 -10.26 -10.10 -6.54
CA GLU A 247 -11.15 -10.10 -7.69
C GLU A 247 -10.49 -10.84 -8.84
N ALA A 248 -9.18 -10.61 -9.03
CA ALA A 248 -8.43 -11.30 -10.08
C ALA A 248 -8.46 -12.81 -9.90
N GLN A 249 -8.47 -13.26 -8.64
CA GLN A 249 -8.47 -14.68 -8.31
C GLN A 249 -9.87 -15.28 -8.14
N GLY A 250 -10.90 -14.53 -8.55
CA GLY A 250 -12.24 -15.08 -8.66
C GLY A 250 -13.02 -15.15 -7.35
N LEU A 251 -12.65 -14.30 -6.40
CA LEU A 251 -13.21 -14.37 -5.06
C LEU A 251 -14.31 -13.35 -4.79
N GLU A 252 -14.81 -12.70 -5.83
CA GLU A 252 -15.96 -11.80 -5.70
C GLU A 252 -17.11 -12.47 -4.96
N GLY A 253 -17.62 -11.79 -3.93
CA GLY A 253 -18.69 -12.32 -3.10
C GLY A 253 -18.28 -13.25 -1.98
N GLN A 254 -16.98 -13.52 -1.84
CA GLN A 254 -16.48 -14.41 -0.80
C GLN A 254 -15.64 -13.70 0.26
N ILE A 255 -15.35 -12.43 0.04
CA ILE A 255 -14.52 -11.66 0.94
C ILE A 255 -15.41 -10.82 1.82
N ASP A 256 -15.30 -10.99 3.14
CA ASP A 256 -16.20 -10.26 4.05
C ASP A 256 -15.91 -8.76 4.12
N PHE A 257 -14.62 -8.40 4.15
CA PHE A 257 -14.21 -7.00 4.25
C PHE A 257 -13.01 -6.77 3.36
N VAL A 258 -12.99 -5.63 2.65
CA VAL A 258 -11.79 -5.23 1.92
C VAL A 258 -11.36 -3.88 2.46
N VAL A 259 -10.09 -3.78 2.85
CA VAL A 259 -9.54 -2.53 3.34
C VAL A 259 -8.59 -1.97 2.29
N GLY A 260 -8.58 -0.64 2.17
CA GLY A 260 -7.67 0.02 1.27
C GLY A 260 -7.34 1.40 1.72
N THR A 261 -6.65 2.10 0.83
CA THR A 261 -6.12 3.42 1.11
C THR A 261 -6.36 4.30 -0.09
N PHE A 262 -6.36 5.61 0.15
CA PHE A 262 -6.40 6.57 -0.95
C PHE A 262 -4.98 6.99 -1.36
N SER A 263 -3.95 6.57 -0.62
CA SER A 263 -2.62 7.16 -0.76
C SER A 263 -1.73 6.56 -1.80
N LYS A 264 -2.20 5.52 -2.47
CA LYS A 264 -1.41 4.90 -3.51
C LYS A 264 -2.15 5.24 -4.82
N SER A 265 -2.94 4.33 -5.34
CA SER A 265 -3.57 4.60 -6.64
C SER A 265 -4.51 5.80 -6.69
N VAL A 266 -5.25 6.08 -5.62
CA VAL A 266 -6.25 7.14 -5.68
C VAL A 266 -5.60 8.52 -5.76
N GLY A 267 -4.49 8.71 -5.05
CA GLY A 267 -3.72 9.94 -5.12
C GLY A 267 -3.97 11.00 -4.04
N THR A 268 -4.43 10.61 -2.87
CA THR A 268 -4.54 11.58 -1.78
C THR A 268 -4.19 10.93 -0.44
N VAL A 269 -4.86 11.30 0.64
CA VAL A 269 -4.78 10.58 1.91
C VAL A 269 -6.17 10.10 2.26
N GLY A 270 -6.22 9.05 3.06
CA GLY A 270 -7.47 8.48 3.49
C GLY A 270 -7.38 6.98 3.49
N GLY A 271 -8.30 6.35 4.21
CA GLY A 271 -8.44 4.90 4.17
C GLY A 271 -9.90 4.51 4.07
N PHE A 272 -10.17 3.23 3.85
CA PHE A 272 -11.55 2.78 3.80
C PHE A 272 -11.66 1.30 4.04
N VAL A 273 -12.85 0.88 4.44
CA VAL A 273 -13.23 -0.53 4.45
C VAL A 273 -14.57 -0.65 3.72
N VAL A 274 -14.67 -1.63 2.82
CA VAL A 274 -15.93 -1.95 2.16
C VAL A 274 -16.37 -3.37 2.52
N SER A 275 -17.68 -3.61 2.48
CA SER A 275 -18.25 -4.89 2.88
C SER A 275 -19.68 -4.99 2.39
N ASN A 276 -20.15 -6.23 2.24
CA ASN A 276 -21.57 -6.50 2.06
C ASN A 276 -22.26 -6.94 3.33
N HIS A 277 -21.58 -6.92 4.47
CA HIS A 277 -22.21 -7.40 5.69
C HIS A 277 -23.42 -6.52 6.04
N PRO A 278 -24.58 -7.13 6.32
CA PRO A 278 -25.76 -6.30 6.62
C PRO A 278 -25.65 -5.40 7.86
N LYS A 279 -24.75 -5.73 8.78
CA LYS A 279 -24.58 -4.93 10.00
C LYS A 279 -23.36 -4.02 9.92
N PHE A 280 -22.81 -3.85 8.72
CA PHE A 280 -21.57 -3.09 8.57
C PHE A 280 -21.65 -1.65 9.12
N GLU A 281 -22.79 -0.99 8.99
CA GLU A 281 -22.97 0.36 9.52
C GLU A 281 -22.71 0.47 11.01
N ALA A 282 -22.92 -0.63 11.74
CA ALA A 282 -22.68 -0.66 13.19
C ALA A 282 -21.22 -0.39 13.54
N VAL A 283 -20.30 -0.68 12.62
CA VAL A 283 -18.89 -0.37 12.83
C VAL A 283 -18.68 1.12 13.16
N ARG A 284 -19.43 2.01 12.52
CA ARG A 284 -19.35 3.44 12.84
C ARG A 284 -19.65 3.75 14.30
N LEU A 285 -20.56 2.99 14.89
CA LEU A 285 -20.97 3.22 16.28
C LEU A 285 -19.92 2.80 17.30
N ALA A 286 -19.02 1.91 16.89
CA ALA A 286 -18.11 1.24 17.83
C ALA A 286 -16.65 1.56 17.59
N CYS A 287 -16.34 2.06 16.38
CA CYS A 287 -14.96 2.17 15.94
C CYS A 287 -14.35 3.49 16.37
N ARG A 288 -13.50 3.41 17.38
CA ARG A 288 -12.96 4.61 17.98
C ARG A 288 -12.12 5.47 17.02
N PRO A 289 -11.23 4.85 16.20
CA PRO A 289 -10.49 5.66 15.21
C PRO A 289 -11.33 6.34 14.13
N TYR A 290 -12.58 5.90 13.96
CA TYR A 290 -13.53 6.57 13.08
C TYR A 290 -14.23 7.71 13.80
N ILE A 291 -14.62 7.47 15.05
CA ILE A 291 -15.42 8.43 15.80
C ILE A 291 -14.60 9.64 16.23
N PHE A 292 -13.39 9.39 16.75
CA PHE A 292 -12.62 10.40 17.49
C PHE A 292 -11.52 11.12 16.69
N THR A 293 -11.85 11.44 15.45
CA THR A 293 -10.96 12.19 14.58
C THR A 293 -11.80 13.01 13.60
N ALA A 294 -11.24 14.13 13.14
CA ALA A 294 -11.93 15.02 12.24
C ALA A 294 -12.10 14.38 10.88
N SER A 295 -13.18 14.75 10.19
CA SER A 295 -13.39 14.25 8.84
C SER A 295 -12.38 14.88 7.88
N LEU A 296 -12.16 14.24 6.74
CA LEU A 296 -11.18 14.68 5.75
C LEU A 296 -11.59 16.00 5.09
N PRO A 297 -10.61 16.83 4.71
CA PRO A 297 -10.96 18.12 4.12
C PRO A 297 -11.67 17.99 2.78
N PRO A 298 -12.47 19.01 2.42
CA PRO A 298 -13.19 18.97 1.16
C PRO A 298 -12.33 18.65 -0.06
N SER A 299 -11.16 19.27 -0.17
CA SER A 299 -10.28 19.05 -1.32
CA SER A 299 -10.29 19.06 -1.32
C SER A 299 -9.84 17.60 -1.41
N VAL A 300 -9.54 17.01 -0.27
CA VAL A 300 -9.13 15.61 -0.22
C VAL A 300 -10.27 14.69 -0.66
N VAL A 301 -11.45 14.89 -0.11
CA VAL A 301 -12.59 14.04 -0.47
C VAL A 301 -12.96 14.20 -1.95
N ALA A 302 -12.88 15.42 -2.47
CA ALA A 302 -13.22 15.68 -3.86
C ALA A 302 -12.20 15.03 -4.79
N THR A 303 -10.92 15.16 -4.46
CA THR A 303 -9.91 14.52 -5.31
C THR A 303 -10.08 13.00 -5.28
N ALA A 304 -10.37 12.45 -4.10
CA ALA A 304 -10.55 10.99 -3.96
C ALA A 304 -11.74 10.51 -4.77
N THR A 305 -12.86 11.22 -4.67
CA THR A 305 -14.08 10.81 -5.34
C THR A 305 -13.90 10.82 -6.86
N THR A 306 -13.33 11.91 -7.37
CA THR A 306 -13.09 12.04 -8.80
C THR A 306 -12.14 10.96 -9.30
N SER A 307 -11.07 10.73 -8.54
CA SER A 307 -10.09 9.73 -8.89
C SER A 307 -10.69 8.32 -8.91
N ILE A 308 -11.40 7.95 -7.84
CA ILE A 308 -12.01 6.63 -7.75
C ILE A 308 -12.94 6.39 -8.94
N ARG A 309 -13.74 7.39 -9.30
CA ARG A 309 -14.65 7.22 -10.42
C ARG A 309 -13.89 7.00 -11.73
N LYS A 310 -12.81 7.76 -11.93
CA LYS A 310 -11.99 7.57 -13.13
C LYS A 310 -11.30 6.20 -13.14
N LEU A 311 -10.88 5.74 -11.96
CA LEU A 311 -10.20 4.45 -11.87
C LEU A 311 -11.10 3.28 -12.27
N MET A 312 -12.43 3.47 -12.23
CA MET A 312 -13.33 2.40 -12.66
C MET A 312 -13.13 2.02 -14.12
N THR A 313 -12.69 2.97 -14.94
CA THR A 313 -12.55 2.74 -16.39
C THR A 313 -11.21 3.22 -16.96
N ALA A 314 -10.18 3.25 -16.13
CA ALA A 314 -8.87 3.75 -16.54
C ALA A 314 -8.06 2.65 -17.23
N HIS A 315 -8.62 2.09 -18.29
CA HIS A 315 -8.01 0.94 -18.97
C HIS A 315 -6.64 1.28 -19.58
N GLU A 316 -6.50 2.48 -20.11
CA GLU A 316 -5.25 2.91 -20.73
C GLU A 316 -4.14 3.02 -19.70
N LYS A 317 -4.44 3.65 -18.56
CA LYS A 317 -3.49 3.73 -17.47
C LYS A 317 -3.07 2.34 -16.98
N ARG A 318 -4.06 1.48 -16.78
CA ARG A 318 -3.79 0.12 -16.35
C ARG A 318 -2.86 -0.60 -17.34
N GLU A 319 -3.15 -0.43 -18.62
CA GLU A 319 -2.37 -1.05 -19.68
C GLU A 319 -0.92 -0.60 -19.59
N ARG A 320 -0.71 0.70 -19.49
CA ARG A 320 0.65 1.25 -19.43
C ARG A 320 1.37 0.79 -18.17
N LEU A 321 0.67 0.80 -17.05
CA LEU A 321 1.28 0.38 -15.78
C LEU A 321 1.84 -1.02 -15.93
N TRP A 322 1.02 -1.95 -16.42
CA TRP A 322 1.46 -3.34 -16.55
C TRP A 322 2.55 -3.53 -17.61
N SER A 323 2.43 -2.84 -18.75
CA SER A 323 3.46 -2.88 -19.79
CA SER A 323 3.47 -2.96 -19.76
CA SER A 323 3.46 -2.88 -19.79
C SER A 323 4.80 -2.41 -19.23
N ASN A 324 4.76 -1.31 -18.49
CA ASN A 324 5.96 -0.74 -17.89
C ASN A 324 6.57 -1.72 -16.87
N ALA A 325 5.71 -2.32 -16.05
CA ALA A 325 6.18 -3.24 -15.02
C ALA A 325 6.85 -4.45 -15.65
N ARG A 326 6.20 -5.04 -16.65
CA ARG A 326 6.77 -6.20 -17.32
C ARG A 326 8.05 -5.87 -18.05
N ALA A 327 8.12 -4.69 -18.67
CA ALA A 327 9.34 -4.27 -19.38
C ALA A 327 10.50 -4.15 -18.39
N LEU A 328 10.23 -3.54 -17.23
CA LEU A 328 11.26 -3.33 -16.22
C LEU A 328 11.73 -4.66 -15.61
N HIS A 329 10.77 -5.47 -15.20
CA HIS A 329 11.07 -6.76 -14.59
C HIS A 329 11.86 -7.64 -15.56
N GLY A 330 11.35 -7.80 -16.78
CA GLY A 330 12.01 -8.64 -17.76
C GLY A 330 13.38 -8.11 -18.10
N GLY A 331 13.48 -6.78 -18.22
CA GLY A 331 14.74 -6.16 -18.60
C GLY A 331 15.83 -6.32 -17.56
N LEU A 332 15.47 -6.13 -16.29
CA LEU A 332 16.42 -6.29 -15.20
C LEU A 332 16.84 -7.74 -15.05
N LYS A 333 15.87 -8.66 -15.16
CA LYS A 333 16.16 -10.08 -15.09
C LYS A 333 17.15 -10.48 -16.17
N ALA A 334 16.94 -9.97 -17.38
CA ALA A 334 17.80 -10.34 -18.50
C ALA A 334 19.24 -9.87 -18.32
N MET A 335 19.40 -8.72 -17.67
CA MET A 335 20.71 -8.16 -17.34
C MET A 335 21.47 -8.90 -16.26
N GLY A 336 20.78 -9.78 -15.55
CA GLY A 336 21.40 -10.59 -14.52
C GLY A 336 21.20 -10.10 -13.11
N PHE A 337 20.29 -9.15 -12.91
CA PHE A 337 19.89 -8.78 -11.56
C PHE A 337 19.05 -9.88 -10.96
N ARG A 338 19.23 -10.06 -9.66
CA ARG A 338 18.42 -10.99 -8.89
C ARG A 338 17.18 -10.24 -8.42
N LEU A 339 16.02 -10.68 -8.89
CA LEU A 339 14.76 -10.06 -8.54
C LEU A 339 14.04 -10.85 -7.47
N GLY A 340 13.13 -10.17 -6.78
CA GLY A 340 12.35 -10.80 -5.73
C GLY A 340 11.30 -11.78 -6.21
N THR A 341 10.99 -11.71 -7.50
CA THR A 341 9.97 -12.57 -8.11
C THR A 341 10.46 -13.09 -9.45
N GLU A 342 10.09 -14.32 -9.77
CA GLU A 342 10.43 -14.91 -11.07
C GLU A 342 9.65 -14.31 -12.21
N THR A 343 8.39 -13.97 -11.97
CA THR A 343 7.55 -13.35 -12.98
C THR A 343 7.05 -12.01 -12.45
N CYS A 344 6.63 -11.15 -13.35
CA CYS A 344 6.15 -9.82 -12.97
C CYS A 344 4.71 -9.93 -12.50
N ASP A 345 4.54 -9.90 -11.19
CA ASP A 345 3.26 -10.21 -10.57
C ASP A 345 2.53 -9.01 -9.98
N SER A 346 3.20 -7.86 -9.94
CA SER A 346 2.63 -6.64 -9.39
C SER A 346 3.38 -5.46 -9.98
N ALA A 347 3.07 -4.25 -9.50
CA ALA A 347 3.77 -3.04 -9.93
C ALA A 347 4.99 -2.70 -9.09
N ILE A 348 5.43 -3.63 -8.23
CA ILE A 348 6.66 -3.51 -7.46
C ILE A 348 7.65 -4.54 -8.01
N VAL A 349 8.82 -4.04 -8.43
CA VAL A 349 9.91 -4.89 -8.88
C VAL A 349 11.04 -4.68 -7.88
N ALA A 350 11.43 -5.75 -7.19
CA ALA A 350 12.45 -5.69 -6.15
C ALA A 350 13.75 -6.31 -6.65
N VAL A 351 14.84 -5.52 -6.59
CA VAL A 351 16.18 -5.98 -6.90
C VAL A 351 16.89 -6.33 -5.60
N MET A 352 17.43 -7.56 -5.54
CA MET A 352 18.07 -8.06 -4.34
C MET A 352 19.58 -7.93 -4.46
N LEU A 353 20.20 -7.32 -3.45
CA LEU A 353 21.64 -7.11 -3.44
CA LEU A 353 21.64 -7.11 -3.44
C LEU A 353 22.29 -7.97 -2.36
N GLU A 354 23.62 -8.08 -2.44
CA GLU A 354 24.38 -9.03 -1.65
C GLU A 354 24.63 -8.59 -0.22
N ASP A 355 24.72 -7.29 0.00
CA ASP A 355 25.05 -6.77 1.32
C ASP A 355 24.65 -5.30 1.46
N GLN A 356 24.73 -4.80 2.69
CA GLN A 356 24.37 -3.43 3.03
C GLN A 356 25.08 -2.40 2.15
N GLU A 357 26.40 -2.54 2.04
CA GLU A 357 27.24 -1.58 1.35
C GLU A 357 26.94 -1.57 -0.15
N GLN A 358 26.78 -2.76 -0.74
CA GLN A 358 26.46 -2.86 -2.15
C GLN A 358 25.12 -2.18 -2.45
N ALA A 359 24.13 -2.43 -1.60
CA ALA A 359 22.81 -1.81 -1.76
C ALA A 359 22.92 -0.29 -1.74
N ALA A 360 23.64 0.24 -0.76
CA ALA A 360 23.80 1.69 -0.64
C ALA A 360 24.58 2.28 -1.81
N MET A 361 25.64 1.60 -2.24
CA MET A 361 26.42 2.12 -3.36
C MET A 361 25.61 2.13 -4.65
N MET A 362 24.84 1.08 -4.86
CA MET A 362 23.97 0.99 -6.03
C MET A 362 22.89 2.07 -6.00
N TRP A 363 22.21 2.19 -4.85
CA TRP A 363 21.17 3.19 -4.67
C TRP A 363 21.72 4.60 -4.89
N GLN A 364 22.89 4.88 -4.34
CA GLN A 364 23.54 6.18 -4.49
C GLN A 364 23.92 6.47 -5.93
N ALA A 365 24.50 5.47 -6.60
CA ALA A 365 24.87 5.62 -8.01
C ALA A 365 23.63 5.92 -8.86
N LEU A 366 22.54 5.20 -8.58
CA LEU A 366 21.30 5.46 -9.30
C LEU A 366 20.81 6.89 -9.05
N LEU A 367 20.79 7.29 -7.79
CA LEU A 367 20.34 8.65 -7.44
C LEU A 367 21.21 9.70 -8.12
N ASP A 368 22.52 9.53 -8.02
CA ASP A 368 23.46 10.47 -8.63
C ASP A 368 23.28 10.54 -10.15
N GLY A 369 22.88 9.42 -10.75
CA GLY A 369 22.65 9.34 -12.19
C GLY A 369 21.28 9.81 -12.65
N GLY A 370 20.40 10.14 -11.72
CA GLY A 370 19.07 10.67 -12.07
C GLY A 370 17.90 9.71 -11.90
N LEU A 371 18.00 8.75 -10.98
CA LEU A 371 16.91 7.80 -10.73
C LEU A 371 16.74 7.59 -9.24
N TYR A 372 15.52 7.76 -8.74
CA TYR A 372 15.20 7.53 -7.34
C TYR A 372 14.36 6.28 -7.20
N VAL A 373 14.92 5.28 -6.53
CA VAL A 373 14.19 4.06 -6.17
C VAL A 373 14.23 3.92 -4.66
N ASN A 374 13.40 3.04 -4.12
CA ASN A 374 13.37 2.81 -2.69
C ASN A 374 14.47 1.85 -2.28
N MET A 375 15.19 2.16 -1.22
CA MET A 375 16.13 1.19 -0.64
C MET A 375 15.56 0.68 0.67
N ALA A 376 15.49 -0.65 0.78
CA ALA A 376 14.95 -1.32 1.97
C ALA A 376 16.01 -2.26 2.52
N ARG A 377 16.42 -2.03 3.76
CA ARG A 377 17.47 -2.81 4.38
C ARG A 377 17.06 -3.15 5.82
N PRO A 378 17.78 -4.07 6.49
CA PRO A 378 17.43 -4.36 7.87
C PRO A 378 17.54 -3.13 8.77
N PRO A 379 16.66 -3.01 9.77
CA PRO A 379 15.63 -3.97 10.16
C PRO A 379 14.25 -3.75 9.53
N ALA A 380 14.18 -2.97 8.44
CA ALA A 380 12.92 -2.85 7.69
C ALA A 380 12.65 -4.14 6.92
N THR A 381 13.74 -4.76 6.44
CA THR A 381 13.70 -6.05 5.78
C THR A 381 14.30 -7.09 6.72
N PRO A 382 14.07 -8.39 6.45
CA PRO A 382 14.74 -9.40 7.25
C PRO A 382 16.26 -9.30 7.15
N ALA A 383 16.96 -9.61 8.24
CA ALA A 383 18.42 -9.69 8.22
C ALA A 383 18.87 -10.51 7.00
N GLY A 384 19.85 -9.98 6.27
CA GLY A 384 20.35 -10.65 5.07
C GLY A 384 19.67 -10.24 3.77
N THR A 385 18.60 -9.45 3.85
CA THR A 385 17.89 -9.01 2.66
C THR A 385 18.10 -7.51 2.45
N PHE A 386 18.58 -7.15 1.27
CA PHE A 386 18.92 -5.76 0.93
C PHE A 386 18.34 -5.45 -0.43
N LEU A 387 17.36 -4.55 -0.49
CA LEU A 387 16.56 -4.38 -1.69
C LEU A 387 16.63 -2.98 -2.26
N LEU A 388 16.56 -2.91 -3.58
CA LEU A 388 16.14 -1.71 -4.29
C LEU A 388 14.77 -2.01 -4.86
N ARG A 389 13.78 -1.26 -4.41
CA ARG A 389 12.39 -1.50 -4.80
C ARG A 389 11.89 -0.43 -5.77
N CYS A 390 11.47 -0.88 -6.93
CA CYS A 390 10.99 -0.02 -8.00
C CYS A 390 9.47 -0.13 -8.04
N SER A 391 8.79 0.99 -7.92
CA SER A 391 7.33 1.01 -7.99
C SER A 391 6.91 1.79 -9.24
N ILE A 392 6.25 1.08 -10.14
CA ILE A 392 5.98 1.58 -11.47
C ILE A 392 4.78 2.52 -11.43
N CYS A 393 4.74 3.43 -12.39
CA CYS A 393 3.65 4.38 -12.54
C CYS A 393 3.02 4.22 -13.93
N ALA A 394 1.70 4.31 -14.00
CA ALA A 394 0.99 4.32 -15.27
C ALA A 394 1.48 5.42 -16.22
N GLU A 395 2.09 6.46 -15.68
CA GLU A 395 2.53 7.59 -16.50
C GLU A 395 4.01 7.53 -16.87
N HIS A 396 4.73 6.49 -16.47
CA HIS A 396 6.06 6.27 -17.05
C HIS A 396 5.86 5.96 -18.53
N THR A 397 6.76 6.46 -19.36
CA THR A 397 6.74 6.13 -20.78
C THR A 397 7.67 4.95 -21.06
N PRO A 398 7.47 4.27 -22.21
CA PRO A 398 8.43 3.23 -22.56
C PRO A 398 9.88 3.71 -22.66
N ALA A 399 10.06 4.93 -23.13
CA ALA A 399 11.40 5.51 -23.19
C ALA A 399 11.99 5.67 -21.79
N GLN A 400 11.18 6.12 -20.84
CA GLN A 400 11.67 6.26 -19.47
C GLN A 400 12.08 4.91 -18.90
N ILE A 401 11.29 3.88 -19.17
CA ILE A 401 11.66 2.55 -18.65
C ILE A 401 12.96 2.05 -19.31
N GLN A 402 13.14 2.33 -20.60
CA GLN A 402 14.43 2.02 -21.22
C GLN A 402 15.59 2.80 -20.60
N THR A 403 15.38 4.08 -20.32
CA THR A 403 16.38 4.90 -19.62
C THR A 403 16.73 4.27 -18.26
N VAL A 404 15.70 3.88 -17.53
CA VAL A 404 15.86 3.24 -16.23
C VAL A 404 16.72 1.97 -16.35
N LEU A 405 16.41 1.13 -17.33
CA LEU A 405 17.17 -0.10 -17.52
C LEU A 405 18.64 0.24 -17.79
N GLY A 406 18.89 1.26 -18.60
CA GLY A 406 20.26 1.68 -18.89
C GLY A 406 20.97 2.18 -17.64
N MET A 407 20.25 2.92 -16.82
CA MET A 407 20.80 3.41 -15.55
C MET A 407 21.14 2.27 -14.59
N PHE A 408 20.28 1.27 -14.51
CA PHE A 408 20.55 0.08 -13.71
C PHE A 408 21.76 -0.69 -14.23
N GLN A 409 21.83 -0.88 -15.55
CA GLN A 409 22.95 -1.58 -16.13
C GLN A 409 24.26 -0.85 -15.80
N ALA A 410 24.29 0.46 -15.99
CA ALA A 410 25.50 1.27 -15.75
C ALA A 410 25.94 1.21 -14.29
N ALA A 411 24.98 1.42 -13.40
CA ALA A 411 25.28 1.45 -11.97
C ALA A 411 25.65 0.05 -11.49
N GLY A 412 24.94 -0.95 -11.97
CA GLY A 412 25.20 -2.34 -11.59
C GLY A 412 26.58 -2.79 -11.99
N ARG A 413 26.99 -2.42 -13.20
CA ARG A 413 28.32 -2.79 -13.68
C ARG A 413 29.40 -2.05 -12.89
N ALA A 414 29.18 -0.75 -12.64
CA ALA A 414 30.15 0.07 -11.92
C ALA A 414 30.38 -0.40 -10.48
N VAL A 415 29.29 -0.76 -9.81
CA VAL A 415 29.35 -1.17 -8.40
C VAL A 415 29.80 -2.62 -8.27
N GLY A 416 29.52 -3.43 -9.29
CA GLY A 416 29.89 -4.86 -9.30
C GLY A 416 28.74 -5.84 -9.07
N VAL A 417 27.51 -5.36 -9.21
CA VAL A 417 26.32 -6.18 -8.97
C VAL A 417 26.08 -7.16 -10.12
N ILE A 418 26.37 -6.70 -11.34
CA ILE A 418 26.27 -7.54 -12.54
C ILE A 418 27.56 -7.47 -13.33
N GLY A 419 28.39 -6.60 -13.07
N1 PLP B . -1.72 -1.23 5.22
C2 PLP B . -1.23 -1.67 4.01
C2A PLP B . -1.21 -3.14 3.71
C3 PLP B . -0.71 -0.77 3.10
O3 PLP B . -0.28 -1.21 2.03
C4 PLP B . -0.70 0.61 3.37
C4A PLP B . -0.18 1.62 2.37
C5 PLP B . -1.23 1.03 4.59
C6 PLP B . -1.72 0.11 5.51
C5A PLP B . -1.25 2.47 5.00
O4P PLP B . -2.09 3.39 4.26
P PLP B . -1.94 4.95 4.56
O1P PLP B . -0.67 5.39 3.95
O2P PLP B . -2.05 5.15 6.02
O3P PLP B . -3.17 5.40 3.84
#